data_3PL0
#
_entry.id   3PL0
#
_cell.length_a   43.508
_cell.length_b   63.203
_cell.length_c   104.504
_cell.angle_alpha   90.000
_cell.angle_beta   97.800
_cell.angle_gamma   90.000
#
_symmetry.space_group_name_H-M   'P 1 21 1'
#
loop_
_entity.id
_entity.type
_entity.pdbx_description
1 polymer 'Uncharacterized protein'
2 non-polymer GLYCEROL
3 non-polymer 'CHLORIDE ION'
4 water water
#
_entity_poly.entity_id   1
_entity_poly.type   'polypeptide(L)'
_entity_poly.pdbx_seq_one_letter_code
;G(MSE)HVDIELPLGRATALQRLRAQGFCVLTPAALETLTG(MSE)PLDAFD(MSE)(MSE)LPYWEELAPDLHLKDGGH
YRYRRHGCF(MSE)QTLQPGQLETVQHRAHWQPTTYNALHGG(MSE)ERWFEPLSNE(MSE)IHLPSWSALLVALGELFA
KLRAPQGGRWYIEAHPFRIDTEGGVGRPTPEGAHRDGVDFVAVVFIGRQGVRGGETRVFDAAGPQGVRFTLEQPWTVLLL
DDQQVIHESTPLLPLDPADPAVPAHRDTLVLTYRSGGFQAPA
;
_entity_poly.pdbx_strand_id   A,B
#
loop_
_chem_comp.id
_chem_comp.type
_chem_comp.name
_chem_comp.formula
CL non-polymer 'CHLORIDE ION' 'Cl -1'
GOL non-polymer GLYCEROL 'C3 H8 O3'
#
# COMPACT_ATOMS: atom_id res chain seq x y z
N GLY A 1 13.12 -6.23 -11.09
CA GLY A 1 12.04 -5.26 -10.84
C GLY A 1 11.16 -5.00 -12.07
N MSE A 2 10.32 -3.98 -11.98
CA MSE A 2 9.45 -3.58 -13.09
C MSE A 2 9.78 -2.15 -13.56
O MSE A 2 10.39 -1.36 -12.81
CB MSE A 2 7.98 -3.76 -12.69
CG MSE A 2 7.67 -5.22 -12.41
SE MSE A 2 5.80 -5.58 -12.04
CE MSE A 2 5.60 -4.35 -10.62
N HIS A 3 9.45 -1.82 -14.81
CA HIS A 3 9.83 -0.55 -15.40
C HIS A 3 8.81 0.53 -15.08
N VAL A 4 9.28 1.66 -14.54
CA VAL A 4 8.45 2.81 -14.31
C VAL A 4 9.02 3.87 -15.23
N ASP A 5 8.40 4.06 -16.40
CA ASP A 5 9.00 4.89 -17.46
C ASP A 5 8.54 6.33 -17.30
N ILE A 6 8.87 6.91 -16.14
CA ILE A 6 8.27 8.18 -15.72
C ILE A 6 9.17 9.35 -16.10
N GLU A 7 10.36 9.06 -16.63
CA GLU A 7 11.30 10.08 -17.07
CA GLU A 7 11.26 10.12 -17.09
C GLU A 7 11.44 10.14 -18.61
N LEU A 8 11.56 8.98 -19.23
CA LEU A 8 11.73 8.92 -20.67
CA LEU A 8 11.75 8.80 -20.69
C LEU A 8 10.42 8.51 -21.41
N PRO A 9 10.18 9.12 -22.59
CA PRO A 9 8.97 8.83 -23.37
C PRO A 9 8.97 7.46 -24.06
N LEU A 10 7.94 6.67 -23.84
CA LEU A 10 7.77 5.42 -24.55
C LEU A 10 7.02 5.68 -25.84
N GLY A 11 7.45 5.02 -26.92
CA GLY A 11 6.67 5.00 -28.14
C GLY A 11 5.63 3.92 -27.98
N ARG A 12 4.67 3.93 -28.88
CA ARG A 12 3.59 2.95 -28.80
C ARG A 12 4.04 1.49 -28.79
N ALA A 13 4.95 1.11 -29.68
CA ALA A 13 5.39 -0.29 -29.72
C ALA A 13 6.09 -0.70 -28.41
N THR A 14 6.98 0.13 -27.86
CA THR A 14 7.56 -0.22 -26.56
C THR A 14 6.47 -0.30 -25.49
N ALA A 15 5.51 0.64 -25.49
CA ALA A 15 4.43 0.65 -24.49
C ALA A 15 3.64 -0.66 -24.53
N LEU A 16 3.37 -1.12 -25.75
CA LEU A 16 2.73 -2.42 -25.94
C LEU A 16 3.57 -3.56 -25.35
N GLN A 17 4.88 -3.55 -25.58
CA GLN A 17 5.71 -4.64 -25.08
C GLN A 17 5.67 -4.63 -23.55
N ARG A 18 5.70 -3.44 -22.98
CA ARG A 18 5.67 -3.27 -21.52
C ARG A 18 4.35 -3.82 -20.92
N LEU A 19 3.23 -3.47 -21.54
CA LEU A 19 1.93 -3.92 -21.06
C LEU A 19 1.80 -5.40 -21.18
N ARG A 20 2.30 -6.00 -22.27
CA ARG A 20 2.32 -7.44 -22.36
C ARG A 20 3.18 -8.06 -21.26
N ALA A 21 4.38 -7.52 -21.10
CA ALA A 21 5.37 -8.14 -20.21
C ALA A 21 5.07 -7.95 -18.71
N GLN A 22 4.67 -6.74 -18.31
CA GLN A 22 4.48 -6.44 -16.90
C GLN A 22 3.08 -5.92 -16.53
N GLY A 23 2.23 -5.69 -17.52
CA GLY A 23 0.85 -5.36 -17.29
C GLY A 23 0.57 -3.90 -17.00
N PHE A 24 1.59 -3.06 -17.10
CA PHE A 24 1.35 -1.60 -16.99
C PHE A 24 2.47 -0.87 -17.67
N CYS A 25 2.26 0.40 -17.93
CA CYS A 25 3.34 1.27 -18.28
C CYS A 25 2.93 2.72 -18.01
N VAL A 26 3.93 3.57 -17.91
CA VAL A 26 3.72 4.99 -17.72
C VAL A 26 4.10 5.74 -18.98
N LEU A 27 3.21 6.62 -19.47
CA LEU A 27 3.53 7.53 -20.57
C LEU A 27 3.82 8.91 -19.96
N THR A 28 4.99 9.46 -20.26
CA THR A 28 5.30 10.83 -19.90
C THR A 28 4.35 11.72 -20.71
N PRO A 29 4.16 12.98 -20.27
CA PRO A 29 3.37 13.92 -21.09
C PRO A 29 3.86 14.03 -22.54
N ALA A 30 5.16 13.96 -22.77
CA ALA A 30 5.64 13.97 -24.14
C ALA A 30 5.19 12.70 -24.90
N ALA A 31 5.25 11.53 -24.26
CA ALA A 31 4.79 10.29 -24.90
C ALA A 31 3.29 10.36 -25.24
N LEU A 32 2.49 10.98 -24.37
CA LEU A 32 1.07 11.21 -24.64
C LEU A 32 0.82 12.10 -25.84
N GLU A 33 1.56 13.19 -25.91
CA GLU A 33 1.54 14.04 -27.11
C GLU A 33 1.83 13.29 -28.39
N THR A 34 2.90 12.52 -28.38
CA THR A 34 3.28 11.72 -29.52
C THR A 34 2.21 10.67 -29.83
N LEU A 35 1.70 9.98 -28.82
CA LEU A 35 0.70 8.93 -29.05
C LEU A 35 -0.56 9.51 -29.64
N THR A 36 -1.00 10.63 -29.10
CA THR A 36 -2.31 11.14 -29.46
C THR A 36 -2.26 12.06 -30.66
N GLY A 37 -1.08 12.54 -31.04
CA GLY A 37 -0.94 13.61 -32.03
C GLY A 37 -1.51 14.98 -31.66
N MSE A 38 -1.68 15.24 -30.37
CA MSE A 38 -2.26 16.48 -29.84
C MSE A 38 -1.20 17.08 -28.94
O MSE A 38 -0.63 16.38 -28.11
CB MSE A 38 -3.39 16.18 -28.87
CG MSE A 38 -4.71 15.93 -29.43
SE MSE A 38 -5.52 17.56 -30.02
CE MSE A 38 -5.30 16.97 -31.85
N PRO A 39 -0.96 18.39 -29.06
CA PRO A 39 -0.01 19.05 -28.19
C PRO A 39 -0.56 19.29 -26.77
N LEU A 40 0.32 19.37 -25.80
CA LEU A 40 -0.11 19.54 -24.43
C LEU A 40 -1.05 20.74 -24.25
N ASP A 41 -0.89 21.82 -25.02
CA ASP A 41 -1.78 22.98 -24.86
CA ASP A 41 -1.80 22.96 -24.80
C ASP A 41 -3.24 22.59 -25.09
N ALA A 42 -3.48 21.67 -26.05
CA ALA A 42 -4.85 21.23 -26.33
C ALA A 42 -5.39 20.39 -25.17
N PHE A 43 -4.55 19.61 -24.50
CA PHE A 43 -4.98 18.90 -23.29
C PHE A 43 -5.29 19.87 -22.15
N ASP A 44 -4.53 20.96 -22.07
CA ASP A 44 -4.76 21.96 -21.01
C ASP A 44 -6.15 22.58 -21.04
N MSE A 45 -6.80 22.57 -22.21
N MSE A 45 -6.81 22.57 -22.20
CA MSE A 45 -8.17 23.05 -22.36
CA MSE A 45 -8.17 23.09 -22.32
C MSE A 45 -9.16 22.37 -21.43
C MSE A 45 -9.18 22.35 -21.43
O MSE A 45 -10.23 22.91 -21.13
O MSE A 45 -10.27 22.86 -21.18
CB MSE A 45 -8.64 22.87 -23.82
CB MSE A 45 -8.61 23.00 -23.79
CG MSE A 45 -7.87 23.74 -24.82
CG MSE A 45 -7.70 23.82 -24.69
SE MSE A 45 -8.05 25.68 -24.47
SE MSE A 45 -8.49 24.25 -26.41
CE MSE A 45 -9.99 25.83 -24.60
CE MSE A 45 -9.92 25.45 -25.84
N MSE A 46 -8.81 21.17 -20.96
CA MSE A 46 -9.65 20.38 -20.12
C MSE A 46 -9.54 20.76 -18.66
O MSE A 46 -10.43 20.47 -17.89
CB MSE A 46 -9.29 18.89 -20.24
CG MSE A 46 -9.69 18.25 -21.61
SE MSE A 46 -8.90 16.45 -21.83
CE MSE A 46 -9.25 15.92 -20.09
N LEU A 47 -8.43 21.39 -18.29
CA LEU A 47 -8.18 21.68 -16.88
C LEU A 47 -9.27 22.53 -16.15
N PRO A 48 -9.86 23.53 -16.81
CA PRO A 48 -10.84 24.26 -16.02
C PRO A 48 -12.05 23.45 -15.51
N TYR A 49 -12.35 22.30 -16.13
CA TYR A 49 -13.50 21.49 -15.73
C TYR A 49 -13.27 20.83 -14.39
N TRP A 50 -12.01 20.62 -14.00
CA TRP A 50 -11.71 20.14 -12.65
C TRP A 50 -12.07 21.18 -11.54
N GLU A 51 -12.42 22.42 -11.90
CA GLU A 51 -12.92 23.37 -10.88
C GLU A 51 -14.45 23.26 -10.71
N GLU A 52 -15.10 22.39 -11.49
CA GLU A 52 -16.57 22.32 -11.52
C GLU A 52 -17.10 20.92 -11.38
N LEU A 53 -16.36 20.06 -10.68
CA LEU A 53 -16.86 18.70 -10.48
C LEU A 53 -17.90 18.72 -9.36
N ALA A 54 -18.83 17.77 -9.39
CA ALA A 54 -19.92 17.71 -8.42
C ALA A 54 -19.52 16.95 -7.15
N PRO A 55 -20.01 17.38 -5.99
CA PRO A 55 -19.65 16.66 -4.77
C PRO A 55 -20.21 15.28 -4.85
N ASP A 56 -19.44 14.29 -4.42
CA ASP A 56 -19.89 12.91 -4.32
C ASP A 56 -20.30 12.72 -2.87
N LEU A 57 -21.60 12.78 -2.62
CA LEU A 57 -22.11 12.71 -1.27
C LEU A 57 -22.55 11.30 -0.90
N HIS A 58 -22.13 10.29 -1.66
CA HIS A 58 -22.67 8.93 -1.45
C HIS A 58 -22.05 8.29 -0.20
N LEU A 59 -20.75 8.36 -0.03
CA LEU A 59 -20.09 7.80 1.15
C LEU A 59 -20.08 8.78 2.33
N LYS A 60 -20.11 8.22 3.52
CA LYS A 60 -19.93 8.99 4.73
C LYS A 60 -18.96 8.15 5.53
N ASP A 61 -17.71 8.17 5.11
CA ASP A 61 -16.71 7.33 5.75
C ASP A 61 -15.63 8.16 6.41
N GLY A 62 -15.84 9.47 6.46
CA GLY A 62 -14.89 10.38 7.09
C GLY A 62 -13.62 10.57 6.29
N GLY A 63 -13.62 10.11 5.05
CA GLY A 63 -12.53 10.34 4.14
C GLY A 63 -12.48 11.76 3.55
N HIS A 64 -11.41 12.01 2.80
CA HIS A 64 -11.26 13.31 2.17
C HIS A 64 -12.41 13.50 1.23
N TYR A 65 -12.77 14.76 1.08
CA TYR A 65 -13.87 15.15 0.23
C TYR A 65 -13.60 14.84 -1.22
N ARG A 66 -14.59 14.22 -1.85
CA ARG A 66 -14.49 13.77 -3.25
C ARG A 66 -15.48 14.51 -4.15
N TYR A 67 -14.97 15.02 -5.25
CA TYR A 67 -15.76 15.57 -6.33
C TYR A 67 -15.50 14.80 -7.61
N ARG A 68 -16.55 14.68 -8.42
CA ARG A 68 -16.46 13.91 -9.65
C ARG A 68 -17.61 14.21 -10.59
N ARG A 69 -17.45 13.66 -11.78
CA ARG A 69 -18.50 13.57 -12.78
C ARG A 69 -18.22 12.29 -13.53
N HIS A 70 -19.18 11.88 -14.38
CA HIS A 70 -19.18 10.56 -15.01
C HIS A 70 -19.78 10.65 -16.41
N GLY A 71 -19.20 9.92 -17.35
CA GLY A 71 -19.70 9.92 -18.71
C GLY A 71 -19.21 8.70 -19.42
N CYS A 72 -19.99 8.24 -20.41
CA CYS A 72 -19.67 6.98 -21.07
C CYS A 72 -19.73 7.12 -22.59
N PHE A 73 -18.99 6.23 -23.24
CA PHE A 73 -18.77 6.29 -24.64
C PHE A 73 -18.63 4.89 -25.18
N MSE A 74 -18.79 4.81 -26.51
CA MSE A 74 -18.45 3.60 -27.25
CA MSE A 74 -18.47 3.61 -27.26
C MSE A 74 -17.53 3.97 -28.40
O MSE A 74 -17.78 4.94 -29.17
CB MSE A 74 -19.69 2.86 -27.77
CB MSE A 74 -19.71 2.99 -27.85
CG MSE A 74 -19.42 1.43 -28.31
CG MSE A 74 -20.47 2.15 -26.88
SE MSE A 74 -21.10 0.41 -28.65
SE MSE A 74 -22.12 1.57 -27.68
CE MSE A 74 -21.73 1.47 -30.18
CE MSE A 74 -21.73 2.03 -29.56
N GLN A 75 -16.44 3.21 -28.47
CA GLN A 75 -15.47 3.38 -29.51
C GLN A 75 -15.57 2.18 -30.40
N THR A 76 -15.69 2.45 -31.70
CA THR A 76 -15.55 1.42 -32.72
CA THR A 76 -15.55 1.42 -32.72
C THR A 76 -14.18 1.55 -33.36
N LEU A 77 -13.49 0.44 -33.51
CA LEU A 77 -12.12 0.45 -34.01
C LEU A 77 -11.95 0.49 -35.55
N GLN A 78 -12.77 -0.26 -36.28
CA GLN A 78 -12.69 -0.29 -37.74
CA GLN A 78 -12.69 -0.30 -37.74
C GLN A 78 -14.10 -0.37 -38.29
N PRO A 79 -14.57 0.70 -38.94
CA PRO A 79 -13.96 2.00 -39.12
C PRO A 79 -14.01 2.75 -37.79
N GLY A 80 -12.95 3.52 -37.54
CA GLY A 80 -12.77 4.24 -36.29
C GLY A 80 -13.89 5.22 -36.08
N GLN A 81 -14.57 5.09 -34.94
CA GLN A 81 -15.45 6.15 -34.47
C GLN A 81 -15.55 6.17 -32.95
N LEU A 82 -15.78 7.35 -32.41
CA LEU A 82 -16.12 7.50 -31.01
C LEU A 82 -17.44 8.26 -30.90
N GLU A 83 -18.31 7.75 -30.04
CA GLU A 83 -19.62 8.35 -29.82
C GLU A 83 -20.02 8.31 -28.35
N THR A 84 -20.84 9.29 -27.97
CA THR A 84 -21.40 9.31 -26.63
C THR A 84 -22.45 8.20 -26.54
N VAL A 85 -22.80 7.84 -25.31
CA VAL A 85 -23.96 7.01 -25.07
C VAL A 85 -24.72 7.68 -23.94
N GLN A 86 -25.99 7.32 -23.80
CA GLN A 86 -26.86 7.97 -22.84
C GLN A 86 -26.31 7.82 -21.42
N HIS A 87 -26.46 8.87 -20.62
CA HIS A 87 -25.99 8.88 -19.22
C HIS A 87 -26.49 7.65 -18.48
N ARG A 88 -25.64 7.04 -17.68
CA ARG A 88 -25.98 5.78 -17.05
C ARG A 88 -25.28 5.64 -15.73
N ALA A 89 -25.74 4.68 -14.93
CA ALA A 89 -25.19 4.45 -13.62
C ALA A 89 -23.89 3.66 -13.67
N HIS A 90 -23.11 3.79 -12.61
CA HIS A 90 -21.87 3.09 -12.48
C HIS A 90 -22.12 1.95 -11.49
N TRP A 91 -21.78 0.71 -11.87
CA TRP A 91 -22.01 -0.47 -11.04
C TRP A 91 -20.84 -0.74 -10.09
N GLN A 92 -21.16 -1.05 -8.84
CA GLN A 92 -20.16 -1.30 -7.79
C GLN A 92 -20.58 -2.55 -6.97
N PRO A 93 -20.58 -3.74 -7.61
CA PRO A 93 -20.88 -4.96 -6.89
C PRO A 93 -19.76 -5.22 -5.91
N THR A 94 -19.97 -6.01 -4.86
CA THR A 94 -18.89 -6.26 -3.91
C THR A 94 -17.85 -7.19 -4.51
N THR A 95 -18.19 -7.86 -5.63
CA THR A 95 -17.21 -8.72 -6.25
C THR A 95 -17.44 -8.69 -7.73
N TYR A 96 -16.37 -8.80 -8.50
CA TYR A 96 -16.50 -8.96 -9.93
C TYR A 96 -16.99 -10.34 -10.35
N ASN A 97 -17.23 -11.22 -9.40
CA ASN A 97 -17.98 -12.46 -9.65
C ASN A 97 -19.49 -12.27 -9.66
N ALA A 98 -19.97 -11.06 -9.38
CA ALA A 98 -21.38 -10.76 -9.26
C ALA A 98 -22.03 -10.82 -10.64
N LEU A 99 -23.22 -11.42 -10.68
CA LEU A 99 -24.04 -11.52 -11.87
C LEU A 99 -25.18 -10.52 -11.77
N HIS A 100 -25.61 -10.19 -10.55
CA HIS A 100 -26.82 -9.40 -10.34
C HIS A 100 -26.74 -8.74 -8.97
N GLY A 101 -27.53 -7.69 -8.76
CA GLY A 101 -27.55 -7.01 -7.47
C GLY A 101 -26.40 -6.03 -7.38
N GLY A 102 -25.94 -5.73 -6.17
CA GLY A 102 -24.87 -4.71 -6.01
C GLY A 102 -25.39 -3.29 -6.14
N MSE A 103 -24.51 -2.30 -5.98
CA MSE A 103 -24.94 -0.92 -5.86
C MSE A 103 -24.79 -0.27 -7.19
O MSE A 103 -23.79 -0.46 -7.86
CB MSE A 103 -24.01 -0.17 -4.90
CG MSE A 103 -24.46 1.25 -4.56
SE MSE A 103 -25.90 1.13 -3.28
CE MSE A 103 -24.92 0.30 -1.76
N GLU A 104 -25.77 0.50 -7.59
CA GLU A 104 -25.67 1.28 -8.81
C GLU A 104 -25.67 2.77 -8.39
N ARG A 105 -24.71 3.53 -8.90
CA ARG A 105 -24.54 4.92 -8.49
C ARG A 105 -24.70 5.85 -9.66
N TRP A 106 -25.59 6.82 -9.52
CA TRP A 106 -25.74 7.91 -10.48
C TRP A 106 -24.90 9.08 -10.02
N PHE A 107 -24.06 9.55 -10.94
CA PHE A 107 -23.22 10.71 -10.76
C PHE A 107 -23.66 11.74 -11.74
N GLU A 108 -23.09 12.94 -11.62
CA GLU A 108 -23.42 14.02 -12.53
C GLU A 108 -22.64 13.85 -13.86
N PRO A 109 -23.29 14.17 -14.98
CA PRO A 109 -22.62 14.04 -16.27
C PRO A 109 -21.47 15.02 -16.52
N LEU A 110 -20.53 14.56 -17.31
CA LEU A 110 -19.44 15.38 -17.79
C LEU A 110 -20.00 16.61 -18.50
N SER A 111 -19.22 17.68 -18.46
CA SER A 111 -19.53 18.85 -19.21
C SER A 111 -19.61 18.51 -20.68
N ASN A 112 -20.66 18.95 -21.34
CA ASN A 112 -20.76 18.76 -22.75
C ASN A 112 -19.66 19.48 -23.55
N GLU A 113 -19.25 20.66 -23.11
CA GLU A 113 -18.17 21.41 -23.76
C GLU A 113 -16.87 20.61 -23.68
N MSE A 114 -16.54 20.07 -22.51
CA MSE A 114 -15.28 19.33 -22.38
C MSE A 114 -15.24 18.14 -23.34
O MSE A 114 -14.20 17.89 -23.99
CB MSE A 114 -15.09 18.83 -20.92
CG MSE A 114 -13.72 18.24 -20.70
SE MSE A 114 -13.70 17.31 -18.96
CE MSE A 114 -14.83 15.77 -19.35
N ILE A 115 -16.31 17.37 -23.43
CA ILE A 115 -16.26 16.18 -24.29
C ILE A 115 -16.17 16.50 -25.79
N HIS A 116 -16.42 17.75 -26.19
CA HIS A 116 -16.26 18.15 -27.61
C HIS A 116 -14.91 18.76 -27.92
N LEU A 117 -14.02 18.81 -26.94
CA LEU A 117 -12.68 19.30 -27.21
C LEU A 117 -11.93 18.31 -28.06
N PRO A 118 -11.05 18.79 -28.93
CA PRO A 118 -10.31 17.89 -29.76
C PRO A 118 -9.46 16.93 -28.96
N SER A 119 -8.84 17.41 -27.88
CA SER A 119 -7.99 16.57 -27.07
C SER A 119 -8.75 15.44 -26.39
N TRP A 120 -9.99 15.69 -26.03
CA TRP A 120 -10.80 14.64 -25.39
C TRP A 120 -10.93 13.41 -26.28
N SER A 121 -11.43 13.59 -27.50
CA SER A 121 -11.49 12.47 -28.46
C SER A 121 -10.11 11.86 -28.79
N ALA A 122 -9.09 12.70 -28.97
CA ALA A 122 -7.76 12.23 -29.29
C ALA A 122 -7.26 11.27 -28.18
N LEU A 123 -7.51 11.67 -26.94
CA LEU A 123 -7.15 10.88 -25.77
C LEU A 123 -7.88 9.53 -25.77
N LEU A 124 -9.22 9.54 -25.72
CA LEU A 124 -9.94 8.28 -25.62
C LEU A 124 -9.67 7.34 -26.79
N VAL A 125 -9.56 7.87 -28.00
CA VAL A 125 -9.38 7.06 -29.19
C VAL A 125 -8.00 6.40 -29.22
N ALA A 126 -6.95 7.18 -28.97
CA ALA A 126 -5.56 6.70 -29.07
C ALA A 126 -5.33 5.57 -28.07
N LEU A 127 -5.88 5.76 -26.88
CA LEU A 127 -5.74 4.75 -25.83
C LEU A 127 -6.53 3.47 -26.17
N GLY A 128 -7.71 3.64 -26.73
CA GLY A 128 -8.50 2.48 -27.22
C GLY A 128 -7.78 1.70 -28.31
N GLU A 129 -7.15 2.42 -29.24
CA GLU A 129 -6.42 1.80 -30.35
C GLU A 129 -5.24 1.03 -29.82
N LEU A 130 -4.55 1.63 -28.86
CA LEU A 130 -3.39 0.97 -28.20
C LEU A 130 -3.82 -0.30 -27.47
N PHE A 131 -4.82 -0.16 -26.62
CA PHE A 131 -5.33 -1.30 -25.85
C PHE A 131 -5.84 -2.46 -26.73
N ALA A 132 -6.51 -2.16 -27.83
CA ALA A 132 -6.98 -3.19 -28.76
C ALA A 132 -5.85 -3.98 -29.42
N LYS A 133 -4.66 -3.40 -29.51
CA LYS A 133 -3.49 -4.13 -30.01
C LYS A 133 -3.03 -5.19 -29.05
N LEU A 134 -3.34 -5.08 -27.76
CA LEU A 134 -2.92 -6.13 -26.80
C LEU A 134 -3.96 -7.21 -26.73
N ARG A 135 -5.21 -6.78 -26.57
CA ARG A 135 -6.34 -7.70 -26.52
C ARG A 135 -7.52 -7.07 -27.26
N ALA A 136 -7.76 -7.51 -28.48
CA ALA A 136 -8.84 -6.95 -29.29
C ALA A 136 -10.19 -7.20 -28.64
N PRO A 137 -11.00 -6.16 -28.49
CA PRO A 137 -12.32 -6.38 -27.87
C PRO A 137 -13.36 -7.02 -28.80
N GLN A 138 -14.29 -7.76 -28.23
CA GLN A 138 -15.37 -8.40 -28.99
CA GLN A 138 -15.39 -8.38 -28.97
C GLN A 138 -16.03 -7.41 -29.96
N GLY A 139 -16.15 -7.81 -31.23
CA GLY A 139 -16.74 -6.96 -32.28
C GLY A 139 -16.06 -5.61 -32.52
N GLY A 140 -14.79 -5.49 -32.14
CA GLY A 140 -14.06 -4.24 -32.29
C GLY A 140 -14.67 -3.02 -31.61
N ARG A 141 -15.34 -3.22 -30.45
CA ARG A 141 -15.95 -2.11 -29.70
C ARG A 141 -15.43 -2.06 -28.28
N TRP A 142 -15.03 -0.89 -27.83
CA TRP A 142 -14.79 -0.65 -26.42
C TRP A 142 -15.95 0.14 -25.79
N TYR A 143 -16.32 -0.27 -24.60
CA TYR A 143 -17.23 0.45 -23.74
C TYR A 143 -16.40 1.14 -22.69
N ILE A 144 -16.43 2.46 -22.74
CA ILE A 144 -15.52 3.37 -22.01
C ILE A 144 -16.32 4.16 -20.97
N GLU A 145 -15.86 4.13 -19.74
CA GLU A 145 -16.36 5.08 -18.74
C GLU A 145 -15.26 6.09 -18.37
N ALA A 146 -15.65 7.35 -18.19
CA ALA A 146 -14.73 8.39 -17.82
C ALA A 146 -15.12 8.91 -16.43
N HIS A 147 -14.16 8.96 -15.50
CA HIS A 147 -14.40 9.46 -14.16
C HIS A 147 -13.36 10.53 -13.79
N PRO A 148 -13.64 11.79 -14.07
CA PRO A 148 -12.77 12.85 -13.56
C PRO A 148 -12.96 13.03 -12.07
N PHE A 149 -11.87 13.14 -11.34
CA PHE A 149 -11.91 13.21 -9.89
C PHE A 149 -11.14 14.40 -9.38
N ARG A 150 -11.64 15.01 -8.30
CA ARG A 150 -10.78 15.82 -7.41
C ARG A 150 -11.00 15.35 -6.00
N ILE A 151 -9.92 15.08 -5.30
CA ILE A 151 -9.96 14.74 -3.89
C ILE A 151 -9.35 15.95 -3.17
N ASP A 152 -10.11 16.51 -2.23
CA ASP A 152 -9.74 17.75 -1.54
C ASP A 152 -9.62 17.48 -0.04
N THR A 153 -8.50 17.92 0.52
CA THR A 153 -8.19 17.69 1.93
C THR A 153 -8.84 18.77 2.82
N GLU A 154 -9.71 19.62 2.28
CA GLU A 154 -10.40 20.65 3.12
C GLU A 154 -11.25 20.05 4.20
N GLY A 155 -11.59 18.78 4.02
CA GLY A 155 -12.30 18.05 5.04
C GLY A 155 -11.96 16.58 5.00
N GLY A 156 -12.15 15.90 6.11
CA GLY A 156 -11.95 14.47 6.19
C GLY A 156 -10.51 14.07 6.51
N VAL A 157 -10.31 12.76 6.70
CA VAL A 157 -8.97 12.23 7.00
C VAL A 157 -8.70 11.08 6.02
N GLY A 158 -7.54 11.14 5.36
CA GLY A 158 -7.20 10.12 4.38
C GLY A 158 -6.64 8.88 5.07
N ARG A 159 -7.17 7.71 4.75
CA ARG A 159 -6.66 6.45 5.35
C ARG A 159 -6.49 5.45 4.23
N PRO A 160 -5.61 4.47 4.41
CA PRO A 160 -5.55 3.40 3.42
C PRO A 160 -6.88 2.73 3.16
N THR A 161 -7.18 2.50 1.88
CA THR A 161 -8.33 1.74 1.46
C THR A 161 -8.43 0.43 2.22
N PRO A 162 -9.62 0.14 2.78
CA PRO A 162 -9.83 -1.08 3.53
C PRO A 162 -9.39 -2.32 2.74
N GLU A 163 -9.67 -2.32 1.45
CA GLU A 163 -9.42 -3.49 0.61
C GLU A 163 -7.99 -3.60 0.10
N GLY A 164 -7.16 -2.58 0.32
CA GLY A 164 -5.85 -2.52 -0.29
C GLY A 164 -5.96 -2.35 -1.80
N ALA A 165 -5.00 -2.92 -2.53
CA ALA A 165 -4.96 -2.72 -3.98
C ALA A 165 -6.17 -3.34 -4.65
N HIS A 166 -6.65 -2.72 -5.72
CA HIS A 166 -7.84 -3.21 -6.41
C HIS A 166 -7.62 -3.33 -7.92
N ARG A 167 -8.49 -4.10 -8.57
CA ARG A 167 -8.74 -3.91 -9.97
C ARG A 167 -10.10 -3.24 -10.21
N ASP A 168 -10.38 -2.89 -11.46
CA ASP A 168 -11.56 -2.13 -11.76
C ASP A 168 -12.68 -2.96 -12.42
N GLY A 169 -12.40 -4.22 -12.73
CA GLY A 169 -13.39 -5.12 -13.29
C GLY A 169 -13.62 -4.93 -14.78
N VAL A 170 -12.60 -4.41 -15.48
CA VAL A 170 -12.69 -4.08 -16.89
C VAL A 170 -11.54 -4.78 -17.60
N ASP A 171 -11.26 -4.40 -18.84
CA ASP A 171 -10.10 -4.94 -19.55
C ASP A 171 -8.82 -4.09 -19.33
N PHE A 172 -8.94 -2.80 -19.56
CA PHE A 172 -7.80 -1.84 -19.43
C PHE A 172 -8.26 -0.58 -18.76
N VAL A 173 -7.33 0.01 -17.98
CA VAL A 173 -7.53 1.29 -17.34
C VAL A 173 -6.42 2.27 -17.67
N ALA A 174 -6.80 3.53 -17.86
CA ALA A 174 -5.83 4.62 -17.90
C ALA A 174 -6.12 5.56 -16.78
N VAL A 175 -5.13 5.81 -15.95
CA VAL A 175 -5.20 6.88 -14.95
C VAL A 175 -4.36 8.06 -15.44
N VAL A 176 -5.02 9.19 -15.71
CA VAL A 176 -4.34 10.37 -16.25
C VAL A 176 -4.16 11.31 -15.07
N PHE A 177 -2.92 11.72 -14.80
CA PHE A 177 -2.65 12.69 -13.73
C PHE A 177 -2.92 14.07 -14.27
N ILE A 178 -3.82 14.80 -13.63
CA ILE A 178 -4.28 16.08 -14.15
C ILE A 178 -3.56 17.23 -13.41
N GLY A 179 -3.47 17.13 -12.10
CA GLY A 179 -2.66 18.07 -11.34
C GLY A 179 -2.77 17.85 -9.85
N ARG A 180 -2.01 18.62 -9.09
CA ARG A 180 -2.13 18.61 -7.65
C ARG A 180 -1.54 19.90 -7.06
N GLN A 181 -2.00 20.27 -5.86
CA GLN A 181 -1.47 21.40 -5.14
C GLN A 181 -1.58 21.15 -3.69
N GLY A 182 -0.63 21.68 -2.95
CA GLY A 182 -0.72 21.79 -1.52
C GLY A 182 -0.71 20.47 -0.81
N VAL A 183 -0.26 19.40 -1.47
CA VAL A 183 -0.32 18.06 -0.88
C VAL A 183 0.96 17.26 -1.08
N ARG A 184 1.21 16.33 -0.17
CA ARG A 184 2.08 15.20 -0.49
C ARG A 184 1.30 13.90 -0.26
N GLY A 185 1.98 12.76 -0.32
CA GLY A 185 1.25 11.50 -0.42
C GLY A 185 0.72 11.35 -1.83
N GLY A 186 -0.37 10.60 -2.00
CA GLY A 186 -0.89 10.30 -3.32
C GLY A 186 0.12 9.58 -4.19
N GLU A 187 0.88 8.68 -3.60
CA GLU A 187 1.81 7.86 -4.32
C GLU A 187 1.05 6.71 -4.92
N THR A 188 1.30 6.39 -6.16
CA THR A 188 0.67 5.24 -6.82
C THR A 188 1.48 3.99 -6.51
N ARG A 189 0.79 2.88 -6.30
CA ARG A 189 1.44 1.56 -6.36
C ARG A 189 0.73 0.65 -7.37
N VAL A 190 1.54 -0.12 -8.12
CA VAL A 190 1.05 -1.12 -9.06
C VAL A 190 1.69 -2.45 -8.68
N PHE A 191 0.88 -3.51 -8.55
CA PHE A 191 1.40 -4.82 -8.23
C PHE A 191 0.99 -5.83 -9.29
N ASP A 192 1.87 -6.75 -9.59
CA ASP A 192 1.52 -7.99 -10.28
C ASP A 192 0.34 -8.69 -9.59
N ALA A 193 -0.70 -9.04 -10.30
CA ALA A 193 -1.86 -9.62 -9.63
C ALA A 193 -1.56 -11.02 -9.25
N ALA A 194 -0.56 -11.66 -9.86
CA ALA A 194 -0.28 -13.09 -9.60
C ALA A 194 1.14 -13.35 -9.14
N GLY A 195 1.74 -12.40 -8.43
CA GLY A 195 3.12 -12.57 -8.03
C GLY A 195 3.43 -11.57 -6.97
N PRO A 196 4.65 -11.56 -6.46
CA PRO A 196 4.88 -10.61 -5.37
C PRO A 196 5.39 -9.22 -5.80
N GLN A 197 5.72 -9.03 -7.07
CA GLN A 197 6.38 -7.79 -7.45
C GLN A 197 5.41 -6.60 -7.43
N GLY A 198 5.96 -5.47 -7.00
CA GLY A 198 5.27 -4.20 -7.03
C GLY A 198 6.21 -3.01 -7.25
N VAL A 199 5.61 -1.88 -7.65
CA VAL A 199 6.30 -0.59 -7.76
C VAL A 199 5.51 0.55 -7.10
N ARG A 200 6.24 1.55 -6.60
CA ARG A 200 5.68 2.80 -6.10
C ARG A 200 6.27 3.99 -6.83
N PHE A 201 5.42 4.94 -7.17
CA PHE A 201 5.91 6.15 -7.81
C PHE A 201 4.84 7.22 -7.64
N THR A 202 5.23 8.49 -7.67
CA THR A 202 4.30 9.58 -7.50
C THR A 202 4.15 10.32 -8.80
N LEU A 203 2.91 10.37 -9.29
CA LEU A 203 2.62 11.16 -10.47
C LEU A 203 2.65 12.64 -10.09
N GLU A 204 3.43 13.41 -10.83
CA GLU A 204 3.66 14.82 -10.56
C GLU A 204 3.50 15.75 -11.74
N GLN A 205 3.70 15.29 -12.98
CA GLN A 205 3.59 16.19 -14.13
CA GLN A 205 3.62 16.16 -14.16
C GLN A 205 2.26 15.99 -14.82
N PRO A 206 1.49 17.08 -14.98
CA PRO A 206 0.21 16.89 -15.64
C PRO A 206 0.33 16.21 -16.98
N TRP A 207 -0.66 15.36 -17.27
CA TRP A 207 -0.73 14.56 -18.48
C TRP A 207 0.27 13.42 -18.48
N THR A 208 0.79 13.06 -17.31
CA THR A 208 1.42 11.78 -17.16
C THR A 208 0.28 10.75 -17.09
N VAL A 209 0.41 9.66 -17.85
CA VAL A 209 -0.61 8.60 -17.89
C VAL A 209 -0.12 7.21 -17.48
N LEU A 210 -0.86 6.57 -16.57
CA LEU A 210 -0.60 5.20 -16.18
C LEU A 210 -1.58 4.33 -16.94
N LEU A 211 -1.04 3.44 -17.76
CA LEU A 211 -1.80 2.42 -18.48
C LEU A 211 -1.73 1.12 -17.72
N LEU A 212 -2.89 0.46 -17.52
CA LEU A 212 -3.00 -0.77 -16.73
C LEU A 212 -3.79 -1.85 -17.52
N ASP A 213 -3.27 -3.08 -17.52
CA ASP A 213 -4.02 -4.24 -17.96
C ASP A 213 -4.72 -4.73 -16.72
N ASP A 214 -6.00 -4.43 -16.67
CA ASP A 214 -6.79 -4.69 -15.47
C ASP A 214 -6.94 -6.16 -15.12
N GLN A 215 -6.57 -7.05 -16.04
CA GLN A 215 -6.58 -8.50 -15.75
C GLN A 215 -5.23 -9.02 -15.23
N GLN A 216 -4.21 -8.17 -15.19
CA GLN A 216 -2.86 -8.62 -14.83
C GLN A 216 -2.23 -7.91 -13.65
N VAL A 217 -2.72 -6.71 -13.33
CA VAL A 217 -2.17 -5.92 -12.24
C VAL A 217 -3.33 -5.39 -11.38
N ILE A 218 -2.97 -5.06 -10.15
CA ILE A 218 -3.84 -4.31 -9.24
C ILE A 218 -3.11 -3.03 -8.82
N HIS A 219 -3.86 -2.04 -8.33
CA HIS A 219 -3.24 -0.77 -8.06
C HIS A 219 -3.97 -0.03 -6.94
N GLU A 220 -3.39 1.08 -6.53
CA GLU A 220 -3.89 1.84 -5.37
C GLU A 220 -3.16 3.13 -5.37
N SER A 221 -3.59 4.07 -4.52
CA SER A 221 -2.75 5.21 -4.26
C SER A 221 -2.85 5.56 -2.81
N THR A 222 -1.77 6.11 -2.26
CA THR A 222 -1.73 6.42 -0.86
C THR A 222 -2.50 7.70 -0.54
N PRO A 223 -2.96 7.83 0.70
CA PRO A 223 -3.73 9.04 1.07
C PRO A 223 -2.94 10.34 0.89
N LEU A 224 -3.66 11.42 0.65
CA LEU A 224 -3.08 12.76 0.57
C LEU A 224 -2.82 13.27 1.98
N LEU A 225 -1.81 14.12 2.13
CA LEU A 225 -1.55 14.81 3.39
C LEU A 225 -1.25 16.22 2.99
N PRO A 226 -1.96 17.17 3.59
CA PRO A 226 -1.73 18.57 3.30
C PRO A 226 -0.30 19.00 3.59
N LEU A 227 0.32 19.81 2.74
CA LEU A 227 1.65 20.33 3.04
C LEU A 227 1.60 21.32 4.20
N ASP A 228 0.55 22.13 4.23
CA ASP A 228 0.40 23.20 5.23
C ASP A 228 -0.94 23.01 5.97
N PRO A 229 -1.03 21.96 6.83
CA PRO A 229 -2.29 21.68 7.51
C PRO A 229 -2.68 22.82 8.42
N ALA A 230 -1.67 23.48 8.98
CA ALA A 230 -1.90 24.67 9.83
C ALA A 230 -2.70 25.78 9.13
N ASP A 231 -2.80 25.76 7.79
CA ASP A 231 -3.52 26.84 7.06
C ASP A 231 -4.57 26.31 6.07
N PRO A 232 -5.84 26.29 6.51
CA PRO A 232 -7.04 25.97 5.73
C PRO A 232 -7.14 26.61 4.38
N ALA A 233 -6.93 27.93 4.32
CA ALA A 233 -7.20 28.71 3.11
C ALA A 233 -6.36 28.31 1.88
N VAL A 234 -5.22 27.63 2.09
CA VAL A 234 -4.34 27.20 0.99
C VAL A 234 -4.96 25.94 0.32
N PRO A 235 -5.20 25.99 -1.01
CA PRO A 235 -5.80 24.83 -1.69
C PRO A 235 -4.90 23.61 -1.61
N ALA A 236 -5.51 22.48 -1.32
CA ALA A 236 -4.82 21.23 -1.12
C ALA A 236 -5.66 20.11 -1.71
N HIS A 237 -5.36 19.73 -2.95
CA HIS A 237 -6.12 18.67 -3.62
C HIS A 237 -5.31 17.96 -4.71
N ARG A 238 -5.86 16.86 -5.20
CA ARG A 238 -5.26 16.13 -6.32
C ARG A 238 -6.36 15.80 -7.32
N ASP A 239 -6.04 16.01 -8.58
CA ASP A 239 -6.89 15.82 -9.72
C ASP A 239 -6.38 14.74 -10.61
N THR A 240 -7.28 13.82 -10.99
CA THR A 240 -7.01 12.71 -11.87
C THR A 240 -8.22 12.51 -12.80
N LEU A 241 -7.98 11.72 -13.84
CA LEU A 241 -9.02 11.23 -14.74
C LEU A 241 -8.85 9.74 -14.89
N VAL A 242 -9.87 8.97 -14.53
CA VAL A 242 -9.82 7.52 -14.72
C VAL A 242 -10.68 7.12 -15.92
N LEU A 243 -10.09 6.43 -16.87
CA LEU A 243 -10.81 5.93 -18.06
C LEU A 243 -10.77 4.42 -18.02
N THR A 244 -11.92 3.78 -18.16
CA THR A 244 -11.93 2.35 -18.18
C THR A 244 -12.42 1.88 -19.54
N TYR A 245 -11.80 0.81 -20.02
CA TYR A 245 -12.16 0.20 -21.28
C TYR A 245 -12.57 -1.25 -21.04
N ARG A 246 -13.74 -1.62 -21.57
CA ARG A 246 -14.26 -2.97 -21.38
C ARG A 246 -14.86 -3.52 -22.66
N SER A 247 -14.54 -4.79 -22.96
CA SER A 247 -15.11 -5.55 -24.06
C SER A 247 -16.48 -6.07 -23.68
N GLY A 248 -17.39 -6.21 -24.65
CA GLY A 248 -18.69 -6.89 -24.47
C GLY A 248 -19.79 -5.92 -24.05
N GLY A 249 -19.52 -5.13 -23.03
CA GLY A 249 -20.43 -4.08 -22.63
C GLY A 249 -19.87 -3.35 -21.43
N PHE A 250 -20.60 -2.37 -20.95
CA PHE A 250 -20.28 -1.76 -19.65
C PHE A 250 -20.50 -2.78 -18.53
N GLN A 251 -19.71 -2.70 -17.46
CA GLN A 251 -20.00 -3.47 -16.26
C GLN A 251 -21.41 -3.09 -15.84
N ALA A 252 -22.26 -4.09 -15.66
CA ALA A 252 -23.64 -3.84 -15.28
C ALA A 252 -24.30 -5.14 -14.81
N PRO A 253 -25.26 -5.02 -13.88
CA PRO A 253 -26.07 -6.19 -13.50
C PRO A 253 -26.82 -6.71 -14.71
N ALA A 254 -26.99 -8.03 -14.74
CA ALA A 254 -27.73 -8.73 -15.80
C ALA A 254 -29.22 -8.36 -15.72
N GLY B 1 16.18 -8.75 -9.08
CA GLY B 1 14.89 -8.99 -8.32
C GLY B 1 15.09 -9.04 -6.82
N MSE B 2 14.06 -8.63 -6.08
CA MSE B 2 13.99 -8.85 -4.64
C MSE B 2 13.38 -10.21 -4.33
O MSE B 2 12.37 -10.58 -4.92
CB MSE B 2 13.12 -7.77 -3.98
CG MSE B 2 13.74 -6.37 -4.00
SE MSE B 2 12.30 -5.13 -3.54
CE MSE B 2 13.32 -3.46 -3.61
N HIS B 3 13.99 -10.96 -3.41
CA HIS B 3 13.54 -12.30 -3.07
C HIS B 3 12.62 -12.33 -1.86
N VAL B 4 11.52 -13.09 -1.95
CA VAL B 4 10.63 -13.32 -0.79
C VAL B 4 10.74 -14.79 -0.42
N ASP B 5 11.57 -15.09 0.56
CA ASP B 5 11.95 -16.47 0.82
C ASP B 5 10.95 -17.10 1.79
N ILE B 6 9.72 -17.26 1.31
CA ILE B 6 8.63 -17.62 2.20
C ILE B 6 8.32 -19.11 2.13
N GLU B 7 9.06 -19.84 1.28
CA GLU B 7 8.90 -21.28 1.13
C GLU B 7 10.14 -22.03 1.60
N LEU B 8 11.28 -21.57 1.16
CA LEU B 8 12.53 -22.24 1.51
C LEU B 8 13.25 -21.53 2.65
N PRO B 9 13.85 -22.32 3.57
CA PRO B 9 14.49 -21.77 4.76
C PRO B 9 15.83 -21.09 4.47
N LEU B 10 16.01 -19.84 4.86
CA LEU B 10 17.32 -19.18 4.76
C LEU B 10 18.17 -19.51 5.96
N GLY B 11 19.41 -19.92 5.72
CA GLY B 11 20.41 -19.98 6.79
C GLY B 11 20.82 -18.56 7.17
N ARG B 12 21.46 -18.40 8.33
CA ARG B 12 21.81 -17.07 8.78
C ARG B 12 22.70 -16.35 7.75
N ALA B 13 23.58 -17.10 7.09
CA ALA B 13 24.50 -16.44 6.16
C ALA B 13 23.73 -15.87 4.96
N THR B 14 22.74 -16.61 4.43
CA THR B 14 21.98 -16.10 3.31
C THR B 14 21.04 -14.98 3.78
N ALA B 15 20.52 -15.10 4.98
CA ALA B 15 19.68 -14.06 5.53
C ALA B 15 20.45 -12.75 5.57
N LEU B 16 21.69 -12.80 6.06
CA LEU B 16 22.58 -11.61 6.04
C LEU B 16 22.81 -11.07 4.64
N GLN B 17 23.13 -11.95 3.67
CA GLN B 17 23.29 -11.54 2.27
C GLN B 17 22.05 -10.80 1.76
N ARG B 18 20.87 -11.35 2.03
CA ARG B 18 19.63 -10.70 1.63
C ARG B 18 19.48 -9.33 2.27
N LEU B 19 19.73 -9.25 3.56
CA LEU B 19 19.58 -7.98 4.28
C LEU B 19 20.56 -6.89 3.72
N ARG B 20 21.77 -7.31 3.38
CA ARG B 20 22.72 -6.40 2.72
C ARG B 20 22.31 -6.02 1.36
N ALA B 21 21.82 -6.96 0.57
CA ALA B 21 21.53 -6.72 -0.83
C ALA B 21 20.17 -6.02 -1.03
N GLN B 22 19.14 -6.43 -0.31
CA GLN B 22 17.77 -5.94 -0.57
C GLN B 22 17.07 -5.30 0.65
N GLY B 23 17.72 -5.37 1.79
CA GLY B 23 17.27 -4.66 2.99
C GLY B 23 16.24 -5.37 3.82
N PHE B 24 15.86 -6.56 3.39
CA PHE B 24 14.88 -7.36 4.15
C PHE B 24 15.05 -8.81 3.81
N CYS B 25 14.48 -9.68 4.62
CA CYS B 25 14.37 -11.08 4.22
C CYS B 25 13.29 -11.74 5.03
N VAL B 26 12.84 -12.90 4.57
CA VAL B 26 11.82 -13.65 5.29
C VAL B 26 12.43 -14.98 5.77
N LEU B 27 12.16 -15.33 7.03
CA LEU B 27 12.62 -16.60 7.61
C LEU B 27 11.39 -17.46 7.79
N THR B 28 11.38 -18.64 7.20
CA THR B 28 10.26 -19.57 7.39
C THR B 28 10.32 -20.11 8.82
N PRO B 29 9.24 -20.76 9.29
CA PRO B 29 9.35 -21.28 10.64
C PRO B 29 10.55 -22.22 10.82
N ALA B 30 10.82 -23.08 9.83
CA ALA B 30 11.96 -23.98 9.89
C ALA B 30 13.27 -23.21 10.05
N ALA B 31 13.39 -22.11 9.32
CA ALA B 31 14.60 -21.26 9.33
C ALA B 31 14.77 -20.57 10.69
N LEU B 32 13.65 -20.19 11.29
CA LEU B 32 13.69 -19.59 12.65
C LEU B 32 14.14 -20.63 13.70
N GLU B 33 13.61 -21.85 13.60
CA GLU B 33 14.07 -22.99 14.42
C GLU B 33 15.58 -23.18 14.34
N THR B 34 16.07 -23.29 13.12
CA THR B 34 17.51 -23.40 12.88
C THR B 34 18.30 -22.24 13.49
N LEU B 35 17.82 -21.03 13.28
CA LEU B 35 18.55 -19.82 13.74
C LEU B 35 18.64 -19.75 15.26
N THR B 36 17.55 -20.08 15.91
CA THR B 36 17.43 -19.86 17.34
C THR B 36 17.83 -21.09 18.09
N GLY B 37 17.84 -22.25 17.44
CA GLY B 37 18.06 -23.50 18.11
C GLY B 37 16.87 -24.00 18.95
N MSE B 38 15.66 -23.54 18.66
CA MSE B 38 14.48 -23.90 19.45
C MSE B 38 13.43 -24.56 18.58
O MSE B 38 13.08 -24.00 17.55
CB MSE B 38 13.84 -22.62 20.01
CG MSE B 38 14.63 -21.96 21.11
SE MSE B 38 14.23 -22.69 22.84
CE MSE B 38 16.03 -23.07 23.35
N PRO B 39 12.86 -25.68 19.02
CA PRO B 39 11.80 -26.25 18.20
C PRO B 39 10.54 -25.39 18.26
N LEU B 40 9.66 -25.55 17.27
CA LEU B 40 8.44 -24.74 17.19
C LEU B 40 7.54 -24.93 18.41
N ASP B 41 7.53 -26.12 19.02
CA ASP B 41 6.72 -26.30 20.23
CA ASP B 41 6.72 -26.32 20.24
C ASP B 41 7.12 -25.32 21.34
N ALA B 42 8.42 -25.01 21.46
CA ALA B 42 8.90 -24.03 22.45
C ALA B 42 8.40 -22.61 22.13
N PHE B 43 8.40 -22.25 20.86
CA PHE B 43 7.74 -21.00 20.46
C PHE B 43 6.22 -21.03 20.73
N ASP B 44 5.56 -22.15 20.45
CA ASP B 44 4.11 -22.25 20.66
C ASP B 44 3.67 -21.98 22.11
N MSE B 45 4.60 -22.10 23.05
CA MSE B 45 4.36 -21.78 24.46
CA MSE B 45 4.37 -21.78 24.46
C MSE B 45 4.00 -20.32 24.69
O MSE B 45 3.42 -19.96 25.71
CB MSE B 45 5.59 -22.13 25.30
CB MSE B 45 5.60 -22.11 25.32
CG MSE B 45 5.95 -23.60 25.26
CG MSE B 45 6.14 -23.54 25.13
SE MSE B 45 4.83 -24.60 26.45
SE MSE B 45 7.28 -24.17 26.58
CE MSE B 45 6.04 -24.68 28.00
CE MSE B 45 6.01 -24.03 28.07
N MSE B 46 4.39 -19.46 23.74
CA MSE B 46 4.06 -18.05 23.80
C MSE B 46 2.64 -17.75 23.36
O MSE B 46 2.08 -16.69 23.69
CB MSE B 46 5.06 -17.27 22.92
CG MSE B 46 6.49 -17.37 23.36
SE MSE B 46 7.73 -16.48 22.08
CE MSE B 46 6.53 -15.18 21.66
N LEU B 47 2.01 -18.66 22.64
CA LEU B 47 0.74 -18.36 22.02
C LEU B 47 -0.37 -17.90 22.97
N PRO B 48 -0.51 -18.53 24.15
CA PRO B 48 -1.62 -18.15 25.05
C PRO B 48 -1.61 -16.66 25.46
N TYR B 49 -0.43 -16.01 25.41
CA TYR B 49 -0.33 -14.61 25.84
C TYR B 49 -1.05 -13.66 24.88
N TRP B 50 -1.28 -14.12 23.66
CA TRP B 50 -2.00 -13.30 22.67
C TRP B 50 -3.51 -13.22 22.92
N GLU B 51 -4.02 -14.10 23.77
CA GLU B 51 -5.38 -14.00 24.27
C GLU B 51 -5.51 -12.98 25.39
N GLU B 52 -4.41 -12.41 25.88
CA GLU B 52 -4.43 -11.59 27.13
C GLU B 52 -3.76 -10.22 26.94
N LEU B 53 -3.74 -9.70 25.71
CA LEU B 53 -3.14 -8.39 25.44
C LEU B 53 -4.15 -7.31 25.80
N ALA B 54 -3.68 -6.10 26.06
CA ALA B 54 -4.53 -5.08 26.61
C ALA B 54 -5.02 -4.16 25.49
N PRO B 55 -6.20 -3.57 25.65
CA PRO B 55 -6.66 -2.66 24.63
C PRO B 55 -5.68 -1.52 24.37
N ASP B 56 -5.43 -1.19 23.10
CA ASP B 56 -4.70 0.00 22.73
C ASP B 56 -5.63 1.18 22.85
N LEU B 57 -5.32 2.07 23.80
CA LEU B 57 -6.15 3.17 24.17
C LEU B 57 -5.73 4.46 23.46
N HIS B 58 -4.86 4.36 22.45
CA HIS B 58 -4.36 5.57 21.78
C HIS B 58 -4.62 5.56 20.29
N LEU B 59 -5.76 5.01 19.90
CA LEU B 59 -6.14 5.09 18.49
C LEU B 59 -6.72 6.46 18.24
N LYS B 60 -6.14 7.18 17.26
CA LYS B 60 -6.70 8.47 16.81
C LYS B 60 -8.18 8.35 16.41
N ASP B 61 -8.55 7.28 15.72
CA ASP B 61 -9.95 7.09 15.29
C ASP B 61 -10.90 6.58 16.38
N GLY B 62 -10.38 6.34 17.59
CA GLY B 62 -11.20 5.86 18.71
C GLY B 62 -11.71 4.44 18.57
N GLY B 63 -11.05 3.64 17.73
CA GLY B 63 -11.44 2.26 17.47
C GLY B 63 -11.06 1.34 18.59
N HIS B 64 -11.69 0.18 18.61
CA HIS B 64 -11.43 -0.81 19.63
C HIS B 64 -10.94 -2.07 19.01
N TYR B 65 -10.09 -1.93 17.99
CA TYR B 65 -9.68 -3.08 17.20
C TYR B 65 -8.27 -3.50 17.40
N ARG B 66 -7.56 -2.86 18.33
CA ARG B 66 -6.19 -3.21 18.57
C ARG B 66 -5.86 -3.44 20.04
N TYR B 67 -5.06 -4.47 20.25
CA TYR B 67 -4.60 -4.84 21.56
C TYR B 67 -3.11 -5.03 21.48
N ARG B 68 -2.44 -4.74 22.60
CA ARG B 68 -1.00 -4.85 22.66
C ARG B 68 -0.53 -4.88 24.09
N ARG B 69 0.73 -5.27 24.25
CA ARG B 69 1.53 -5.02 25.45
C ARG B 69 2.91 -4.53 25.01
N HIS B 70 3.75 -4.11 25.96
CA HIS B 70 5.03 -3.48 25.64
C HIS B 70 6.06 -3.86 26.69
N GLY B 71 7.26 -4.24 26.24
CA GLY B 71 8.39 -4.54 27.12
C GLY B 71 9.71 -4.17 26.47
N CYS B 72 10.67 -3.79 27.32
CA CYS B 72 11.97 -3.39 26.83
C CYS B 72 13.11 -4.24 27.41
N PHE B 73 14.21 -4.36 26.67
CA PHE B 73 15.35 -5.22 27.05
C PHE B 73 16.65 -4.60 26.60
N MSE B 74 17.74 -4.99 27.24
CA MSE B 74 19.03 -4.62 26.70
C MSE B 74 19.83 -5.85 26.51
O MSE B 74 20.03 -6.62 27.48
CB MSE B 74 19.77 -3.68 27.60
CG MSE B 74 21.04 -3.15 26.92
SE MSE B 74 21.90 -2.01 28.15
CE MSE B 74 22.65 -3.38 29.34
N GLN B 75 20.32 -6.04 25.29
CA GLN B 75 21.16 -7.17 24.98
C GLN B 75 22.61 -6.74 24.95
N THR B 76 23.49 -7.47 25.66
CA THR B 76 24.92 -7.32 25.52
C THR B 76 25.42 -8.47 24.61
N LEU B 77 26.15 -8.14 23.56
CA LEU B 77 26.66 -9.19 22.64
C LEU B 77 27.84 -9.96 23.22
N GLN B 78 28.72 -9.27 23.93
CA GLN B 78 29.91 -9.93 24.54
C GLN B 78 30.25 -9.33 25.90
N PRO B 79 30.25 -10.16 26.96
CA PRO B 79 29.73 -11.52 27.01
C PRO B 79 28.20 -11.50 26.84
N GLY B 80 27.65 -12.57 26.28
CA GLY B 80 26.24 -12.62 25.92
C GLY B 80 25.35 -12.46 27.14
N GLN B 81 24.42 -11.51 27.07
CA GLN B 81 23.47 -11.29 28.15
C GLN B 81 22.23 -10.58 27.59
N LEU B 82 21.06 -10.98 28.08
CA LEU B 82 19.82 -10.27 27.76
C LEU B 82 19.16 -9.95 29.10
N GLU B 83 18.84 -8.67 29.28
CA GLU B 83 18.35 -8.12 30.53
C GLU B 83 17.03 -7.42 30.31
N THR B 84 16.14 -7.48 31.29
CA THR B 84 14.93 -6.64 31.28
C THR B 84 15.33 -5.26 31.68
N VAL B 85 14.58 -4.26 31.23
CA VAL B 85 14.73 -2.94 31.74
C VAL B 85 13.38 -2.56 32.33
N GLN B 86 13.41 -1.71 33.34
CA GLN B 86 12.21 -1.22 33.98
C GLN B 86 11.19 -0.70 32.98
N HIS B 87 9.94 -1.12 33.14
CA HIS B 87 8.86 -0.69 32.25
C HIS B 87 8.98 0.80 32.00
N ARG B 88 8.91 1.19 30.73
CA ARG B 88 9.05 2.56 30.34
C ARG B 88 8.04 2.88 29.24
N ALA B 89 7.74 4.17 29.08
CA ALA B 89 6.95 4.68 27.95
C ALA B 89 7.61 4.45 26.58
N HIS B 90 6.79 4.08 25.59
CA HIS B 90 7.23 4.08 24.24
C HIS B 90 7.24 5.51 23.72
N TRP B 91 8.30 5.89 23.00
CA TRP B 91 8.36 7.18 22.33
C TRP B 91 8.29 6.99 20.81
N GLN B 92 7.37 7.68 20.16
CA GLN B 92 7.23 7.65 18.70
CA GLN B 92 7.27 7.66 18.69
C GLN B 92 7.52 9.07 18.16
N PRO B 93 8.70 9.29 17.51
CA PRO B 93 8.92 10.62 17.00
C PRO B 93 7.98 10.87 15.85
N THR B 94 7.67 12.13 15.59
CA THR B 94 6.63 12.42 14.61
C THR B 94 7.05 11.85 13.28
N THR B 95 8.30 12.04 12.90
CA THR B 95 8.85 11.31 11.77
C THR B 95 10.20 10.80 12.22
N TYR B 96 10.78 9.91 11.42
CA TYR B 96 11.95 9.15 11.87
C TYR B 96 13.13 10.05 12.09
N ASN B 97 13.21 11.15 11.34
CA ASN B 97 14.33 12.11 11.52
C ASN B 97 13.95 13.32 12.37
N ALA B 98 12.89 13.21 13.17
CA ALA B 98 12.50 14.30 14.07
C ALA B 98 13.39 14.30 15.31
N LEU B 99 14.18 15.35 15.52
CA LEU B 99 14.93 15.54 16.75
C LEU B 99 14.00 16.07 17.86
N HIS B 100 12.94 16.75 17.44
CA HIS B 100 11.96 17.27 18.37
C HIS B 100 10.60 17.01 17.79
N GLY B 101 9.69 16.57 18.65
CA GLY B 101 8.35 16.26 18.22
C GLY B 101 8.09 14.78 18.25
N GLY B 102 7.09 14.39 19.03
CA GLY B 102 6.67 12.98 19.08
C GLY B 102 5.63 12.79 20.16
N MSE B 103 5.25 11.53 20.39
CA MSE B 103 4.24 11.14 21.39
CA MSE B 103 4.32 11.22 21.45
C MSE B 103 4.87 10.10 22.31
O MSE B 103 5.39 9.09 21.82
CB MSE B 103 3.05 10.43 20.71
CB MSE B 103 2.96 10.88 20.87
CG MSE B 103 2.23 11.22 19.71
CG MSE B 103 2.39 12.04 20.08
SE MSE B 103 0.83 10.05 18.98
SE MSE B 103 0.49 12.01 20.07
CE MSE B 103 0.14 11.19 17.53
CE MSE B 103 0.16 11.55 18.20
N GLU B 104 4.76 10.30 23.60
CA GLU B 104 5.13 9.32 24.56
C GLU B 104 3.86 8.56 24.97
N ARG B 105 3.85 7.23 24.90
CA ARG B 105 2.69 6.41 25.30
CA ARG B 105 2.69 6.45 25.36
C ARG B 105 3.10 5.30 26.26
N TRP B 106 2.33 5.12 27.34
CA TRP B 106 2.51 3.99 28.24
C TRP B 106 1.59 2.89 27.87
N PHE B 107 2.13 1.70 27.61
CA PHE B 107 1.33 0.54 27.29
C PHE B 107 1.48 -0.43 28.46
N GLU B 108 0.65 -1.47 28.47
CA GLU B 108 0.69 -2.42 29.57
C GLU B 108 1.91 -3.32 29.39
N PRO B 109 2.56 -3.71 30.50
CA PRO B 109 3.74 -4.50 30.38
C PRO B 109 3.50 -5.96 29.91
N LEU B 110 4.55 -6.57 29.38
CA LEU B 110 4.48 -7.94 28.89
C LEU B 110 4.24 -8.83 30.09
N SER B 111 3.66 -10.01 29.87
CA SER B 111 3.62 -11.04 30.91
C SER B 111 5.01 -11.44 31.37
N ASN B 112 5.22 -11.39 32.68
CA ASN B 112 6.48 -11.84 33.24
C ASN B 112 6.77 -13.30 32.92
N GLU B 113 5.69 -14.09 32.90
CA GLU B 113 5.84 -15.50 32.63
C GLU B 113 6.32 -15.74 31.19
N MSE B 114 5.76 -14.98 30.26
CA MSE B 114 6.15 -15.09 28.88
C MSE B 114 7.60 -14.77 28.67
O MSE B 114 8.28 -15.50 27.96
CB MSE B 114 5.37 -14.09 28.00
CG MSE B 114 5.66 -14.27 26.54
SE MSE B 114 4.67 -13.06 25.42
CE MSE B 114 5.86 -11.52 25.44
N ILE B 115 8.09 -13.69 29.26
CA ILE B 115 9.44 -13.23 28.95
C ILE B 115 10.49 -14.16 29.59
N HIS B 116 10.05 -15.08 30.47
CA HIS B 116 10.95 -16.07 31.08
C HIS B 116 10.95 -17.41 30.32
N LEU B 117 10.13 -17.55 29.28
CA LEU B 117 10.18 -18.76 28.45
C LEU B 117 11.53 -18.80 27.73
N PRO B 118 12.11 -20.00 27.58
CA PRO B 118 13.31 -20.20 26.77
C PRO B 118 13.26 -19.62 25.36
N SER B 119 12.15 -19.81 24.67
CA SER B 119 11.94 -19.35 23.31
C SER B 119 12.06 -17.83 23.22
N TRP B 120 11.67 -17.11 24.28
CA TRP B 120 11.72 -15.65 24.28
C TRP B 120 13.14 -15.15 24.26
N SER B 121 13.95 -15.51 25.25
CA SER B 121 15.37 -15.18 25.18
C SER B 121 16.05 -15.60 23.89
N ALA B 122 15.71 -16.80 23.41
CA ALA B 122 16.38 -17.39 22.25
C ALA B 122 16.09 -16.58 21.00
N LEU B 123 14.85 -16.17 20.88
CA LEU B 123 14.43 -15.35 19.76
C LEU B 123 15.17 -14.03 19.80
N LEU B 124 15.09 -13.32 20.92
CA LEU B 124 15.64 -11.98 21.00
C LEU B 124 17.15 -11.99 20.83
N VAL B 125 17.81 -12.99 21.42
CA VAL B 125 19.26 -13.05 21.33
C VAL B 125 19.72 -13.35 19.93
N ALA B 126 19.11 -14.34 19.30
CA ALA B 126 19.55 -14.78 17.98
C ALA B 126 19.40 -13.67 16.97
N LEU B 127 18.29 -12.92 17.08
CA LEU B 127 18.07 -11.82 16.16
C LEU B 127 19.06 -10.69 16.40
N GLY B 128 19.34 -10.34 17.65
CA GLY B 128 20.39 -9.31 17.91
C GLY B 128 21.78 -9.74 17.38
N GLU B 129 22.11 -11.01 17.54
CA GLU B 129 23.40 -11.48 17.05
C GLU B 129 23.47 -11.36 15.54
N LEU B 130 22.36 -11.67 14.86
CA LEU B 130 22.26 -11.61 13.41
C LEU B 130 22.40 -10.16 12.99
N PHE B 131 21.59 -9.28 13.56
CA PHE B 131 21.67 -7.86 13.19
C PHE B 131 23.04 -7.22 13.45
N ALA B 132 23.73 -7.70 14.48
CA ALA B 132 25.04 -7.16 14.83
C ALA B 132 26.08 -7.50 13.81
N LYS B 133 25.87 -8.56 13.04
CA LYS B 133 26.73 -8.86 11.89
C LYS B 133 26.57 -7.89 10.75
N LEU B 134 25.43 -7.19 10.69
CA LEU B 134 25.21 -6.24 9.61
C LEU B 134 25.76 -4.87 9.97
N ARG B 135 25.47 -4.40 11.18
CA ARG B 135 25.94 -3.11 11.69
C ARG B 135 26.14 -3.36 13.19
N ALA B 136 27.38 -3.35 13.67
CA ALA B 136 27.70 -3.60 15.09
C ALA B 136 27.21 -2.42 15.90
N PRO B 137 26.43 -2.67 16.96
CA PRO B 137 25.91 -1.52 17.68
C PRO B 137 26.95 -0.91 18.63
N GLN B 138 26.75 0.36 18.96
CA GLN B 138 27.63 1.10 19.88
CA GLN B 138 27.68 1.07 19.85
C GLN B 138 27.83 0.29 21.17
N GLY B 139 29.07 0.00 21.52
CA GLY B 139 29.37 -0.73 22.75
C GLY B 139 28.88 -2.18 22.79
N GLY B 140 28.49 -2.73 21.64
CA GLY B 140 27.99 -4.07 21.58
C GLY B 140 26.70 -4.24 22.35
N ARG B 141 25.84 -3.22 22.40
CA ARG B 141 24.56 -3.32 23.09
CA ARG B 141 24.56 -3.32 23.10
C ARG B 141 23.38 -2.98 22.18
N TRP B 142 22.33 -3.79 22.22
CA TRP B 142 21.07 -3.47 21.56
C TRP B 142 20.04 -3.08 22.57
N TYR B 143 19.32 -2.01 22.24
CA TYR B 143 18.20 -1.57 23.03
C TYR B 143 16.97 -2.05 22.27
N ILE B 144 16.23 -2.97 22.90
CA ILE B 144 15.17 -3.70 22.19
C ILE B 144 13.83 -3.38 22.82
N GLU B 145 12.86 -3.11 21.97
CA GLU B 145 11.45 -2.97 22.37
C GLU B 145 10.64 -4.08 21.70
N ALA B 146 9.72 -4.66 22.49
CA ALA B 146 8.82 -5.71 22.04
C ALA B 146 7.38 -5.24 22.10
N HIS B 147 6.69 -5.42 20.98
CA HIS B 147 5.29 -5.04 20.83
C HIS B 147 4.48 -6.23 20.30
N PRO B 148 4.03 -7.13 21.20
CA PRO B 148 2.99 -8.05 20.75
C PRO B 148 1.70 -7.33 20.41
N PHE B 149 1.08 -7.70 19.30
CA PHE B 149 -0.16 -7.11 18.81
C PHE B 149 -1.21 -8.17 18.47
N ARG B 150 -2.46 -7.85 18.78
CA ARG B 150 -3.56 -8.46 18.11
C ARG B 150 -4.44 -7.38 17.50
N ILE B 151 -4.76 -7.57 16.23
CA ILE B 151 -5.68 -6.70 15.51
C ILE B 151 -6.89 -7.51 15.13
N ASP B 152 -8.07 -7.04 15.49
CA ASP B 152 -9.29 -7.73 15.13
C ASP B 152 -10.09 -6.82 14.19
N THR B 153 -11.36 -7.15 13.95
CA THR B 153 -12.14 -6.37 12.99
C THR B 153 -13.27 -5.60 13.60
N GLU B 154 -13.20 -5.32 14.90
CA GLU B 154 -14.25 -4.61 15.61
C GLU B 154 -14.44 -3.25 14.96
N GLY B 155 -15.66 -2.95 14.59
CA GLY B 155 -15.97 -1.72 13.88
C GLY B 155 -15.96 -1.90 12.38
N GLY B 156 -15.49 -3.05 11.91
CA GLY B 156 -15.53 -3.33 10.50
C GLY B 156 -14.19 -3.49 9.81
N VAL B 157 -13.22 -2.67 10.18
CA VAL B 157 -11.88 -2.65 9.56
C VAL B 157 -10.77 -2.56 10.65
N GLY B 158 -9.95 -3.58 10.75
CA GLY B 158 -8.78 -3.56 11.63
C GLY B 158 -7.57 -2.94 10.95
N ARG B 159 -6.83 -2.08 11.68
CA ARG B 159 -5.69 -1.35 11.11
C ARG B 159 -4.44 -1.41 12.00
N PRO B 160 -3.26 -1.58 11.38
CA PRO B 160 -2.06 -1.60 12.15
C PRO B 160 -1.56 -0.19 12.49
N THR B 161 -0.49 -0.15 13.26
CA THR B 161 0.13 1.12 13.62
C THR B 161 1.63 0.95 13.60
N PRO B 162 2.35 1.93 13.05
CA PRO B 162 1.82 3.10 12.32
C PRO B 162 1.07 2.70 11.09
N GLU B 163 0.34 3.66 10.54
CA GLU B 163 -0.36 3.44 9.28
C GLU B 163 0.53 3.75 8.10
N GLY B 164 0.46 2.90 7.08
CA GLY B 164 1.06 3.19 5.79
C GLY B 164 2.51 2.79 5.87
N ALA B 165 3.24 3.04 4.79
CA ALA B 165 4.63 2.68 4.72
C ALA B 165 5.39 3.63 5.63
N HIS B 166 6.32 3.06 6.39
CA HIS B 166 7.03 3.82 7.35
C HIS B 166 8.31 3.06 7.68
N ARG B 167 9.19 3.82 8.29
CA ARG B 167 10.29 3.20 9.00
CA ARG B 167 10.36 3.30 8.99
C ARG B 167 10.08 3.50 10.48
N ASP B 168 10.66 2.64 11.31
CA ASP B 168 10.40 2.68 12.75
C ASP B 168 11.29 3.68 13.54
N GLY B 169 12.35 4.24 12.95
CA GLY B 169 13.28 5.11 13.66
C GLY B 169 14.34 4.35 14.49
N VAL B 170 14.61 3.11 14.08
CA VAL B 170 15.54 2.21 14.78
C VAL B 170 16.58 1.70 13.79
N ASP B 171 17.39 0.71 14.20
CA ASP B 171 18.33 0.09 13.26
C ASP B 171 17.74 -1.06 12.49
N PHE B 172 17.07 -1.99 13.18
CA PHE B 172 16.54 -3.18 12.57
C PHE B 172 15.22 -3.54 13.25
N VAL B 173 14.35 -4.15 12.45
CA VAL B 173 13.02 -4.60 12.89
C VAL B 173 12.78 -6.04 12.53
N ALA B 174 12.12 -6.77 13.44
CA ALA B 174 11.69 -8.12 13.14
C ALA B 174 10.18 -8.14 13.36
N VAL B 175 9.41 -8.55 12.35
CA VAL B 175 7.98 -8.73 12.51
C VAL B 175 7.75 -10.22 12.49
N VAL B 176 7.28 -10.76 13.60
CA VAL B 176 7.06 -12.20 13.69
C VAL B 176 5.59 -12.45 13.51
N PHE B 177 5.25 -13.34 12.59
CA PHE B 177 3.86 -13.61 12.37
C PHE B 177 3.52 -14.73 13.31
N ILE B 178 2.50 -14.47 14.12
CA ILE B 178 2.09 -15.38 15.19
C ILE B 178 0.91 -16.20 14.73
N GLY B 179 -0.06 -15.57 14.08
CA GLY B 179 -1.23 -16.31 13.61
C GLY B 179 -2.35 -15.43 13.10
N ARG B 180 -3.32 -16.06 12.45
CA ARG B 180 -4.50 -15.36 11.99
C ARG B 180 -5.63 -16.31 11.73
N GLN B 181 -6.84 -15.77 11.86
CA GLN B 181 -8.06 -16.48 11.58
C GLN B 181 -9.22 -15.52 11.28
N GLY B 182 -10.14 -15.99 10.44
CA GLY B 182 -11.36 -15.26 10.18
C GLY B 182 -11.17 -13.96 9.43
N VAL B 183 -10.04 -13.77 8.76
CA VAL B 183 -9.76 -12.48 8.16
C VAL B 183 -9.20 -12.51 6.76
N ARG B 184 -9.46 -11.42 6.04
CA ARG B 184 -8.86 -11.12 4.74
C ARG B 184 -7.98 -9.93 4.95
N GLY B 185 -7.02 -9.76 4.06
CA GLY B 185 -6.12 -8.62 4.16
C GLY B 185 -4.98 -8.89 5.11
N GLY B 186 -4.44 -7.84 5.71
CA GLY B 186 -3.21 -8.00 6.49
C GLY B 186 -2.04 -8.49 5.63
N GLU B 187 -1.96 -7.95 4.43
CA GLU B 187 -0.93 -8.22 3.49
C GLU B 187 0.25 -7.30 3.77
N THR B 188 1.45 -7.83 3.71
CA THR B 188 2.67 -7.04 3.93
C THR B 188 3.13 -6.47 2.60
N ARG B 189 3.64 -5.23 2.59
CA ARG B 189 4.43 -4.72 1.50
C ARG B 189 5.71 -4.23 2.07
N VAL B 190 6.81 -4.51 1.37
CA VAL B 190 8.10 -3.90 1.65
C VAL B 190 8.59 -3.18 0.41
N PHE B 191 9.05 -1.94 0.60
CA PHE B 191 9.59 -1.15 -0.49
C PHE B 191 10.98 -0.63 -0.15
N ASP B 192 11.79 -0.52 -1.19
CA ASP B 192 13.05 0.19 -1.15
C ASP B 192 12.72 1.58 -0.63
N ALA B 193 13.41 2.02 0.42
CA ALA B 193 13.18 3.34 0.98
C ALA B 193 13.53 4.47 0.01
N ALA B 194 14.40 4.23 -0.96
CA ALA B 194 14.88 5.31 -1.85
C ALA B 194 14.70 4.97 -3.30
N GLY B 195 13.74 4.12 -3.64
CA GLY B 195 13.45 3.80 -5.04
C GLY B 195 12.08 3.11 -5.20
N PRO B 196 11.73 2.76 -6.44
CA PRO B 196 10.39 2.30 -6.78
C PRO B 196 10.06 0.87 -6.42
N GLN B 197 11.05 0.00 -6.23
CA GLN B 197 10.75 -1.43 -6.30
C GLN B 197 10.27 -1.89 -4.97
N GLY B 198 9.36 -2.85 -4.98
CA GLY B 198 8.92 -3.51 -3.78
C GLY B 198 8.32 -4.88 -4.00
N VAL B 199 7.81 -5.43 -2.90
CA VAL B 199 7.17 -6.72 -2.87
C VAL B 199 5.96 -6.72 -1.98
N ARG B 200 5.11 -7.69 -2.21
CA ARG B 200 3.83 -7.82 -1.58
C ARG B 200 3.62 -9.31 -1.30
N PHE B 201 3.26 -9.63 -0.07
CA PHE B 201 3.02 -11.00 0.35
C PHE B 201 2.19 -11.05 1.61
N THR B 202 1.45 -12.14 1.79
CA THR B 202 0.74 -12.38 3.04
C THR B 202 1.43 -13.46 3.89
N LEU B 203 1.81 -13.08 5.10
CA LEU B 203 2.30 -14.03 6.10
C LEU B 203 1.14 -14.93 6.53
N GLU B 204 1.36 -16.25 6.44
CA GLU B 204 0.31 -17.22 6.78
C GLU B 204 0.74 -18.32 7.76
N GLN B 205 2.01 -18.68 7.73
CA GLN B 205 2.53 -19.74 8.59
C GLN B 205 3.05 -19.16 9.89
N PRO B 206 2.51 -19.63 11.01
CA PRO B 206 3.00 -19.09 12.29
C PRO B 206 4.48 -19.28 12.46
N TRP B 207 5.13 -18.28 13.08
CA TRP B 207 6.58 -18.20 13.28
C TRP B 207 7.39 -17.95 12.00
N THR B 208 6.75 -17.43 10.95
CA THR B 208 7.44 -16.85 9.82
C THR B 208 7.87 -15.45 10.30
N VAL B 209 9.10 -15.04 10.01
CA VAL B 209 9.60 -13.75 10.50
C VAL B 209 10.12 -12.89 9.34
N LEU B 210 9.68 -11.63 9.34
CA LEU B 210 10.14 -10.66 8.37
C LEU B 210 11.21 -9.82 9.06
N LEU B 211 12.43 -9.80 8.51
CA LEU B 211 13.54 -9.04 9.06
C LEU B 211 13.79 -7.83 8.15
N LEU B 212 13.97 -6.65 8.74
CA LEU B 212 14.04 -5.39 8.00
C LEU B 212 15.20 -4.54 8.45
N ASP B 213 15.99 -4.07 7.51
CA ASP B 213 16.94 -2.99 7.76
C ASP B 213 16.20 -1.67 7.74
N ASP B 214 15.97 -1.08 8.90
CA ASP B 214 15.14 0.10 9.02
C ASP B 214 15.71 1.32 8.32
N GLN B 215 16.94 1.28 7.82
CA GLN B 215 17.51 2.41 7.06
C GLN B 215 17.38 2.19 5.54
N GLN B 216 16.97 1.01 5.10
CA GLN B 216 17.01 0.63 3.67
CA GLN B 216 17.00 0.70 3.67
C GLN B 216 15.62 0.43 3.08
N VAL B 217 14.65 0.03 3.91
CA VAL B 217 13.34 -0.26 3.40
C VAL B 217 12.27 0.39 4.26
N ILE B 218 11.08 0.44 3.71
CA ILE B 218 9.85 0.83 4.41
C ILE B 218 8.88 -0.31 4.29
N HIS B 219 7.96 -0.44 5.22
CA HIS B 219 7.09 -1.56 5.27
C HIS B 219 5.72 -1.17 5.77
N GLU B 220 4.72 -1.98 5.41
CA GLU B 220 3.35 -1.73 5.81
C GLU B 220 2.61 -3.02 5.79
N SER B 221 1.42 -3.00 6.35
CA SER B 221 0.50 -4.08 6.17
C SER B 221 -0.90 -3.50 5.94
N THR B 222 -1.68 -4.17 5.09
CA THR B 222 -2.96 -3.65 4.69
C THR B 222 -4.00 -3.95 5.79
N PRO B 223 -5.11 -3.25 5.75
CA PRO B 223 -6.13 -3.46 6.76
C PRO B 223 -6.72 -4.86 6.73
N LEU B 224 -7.33 -5.25 7.84
CA LEU B 224 -8.00 -6.49 7.98
C LEU B 224 -9.51 -6.34 7.85
N LEU B 225 -10.09 -7.30 7.18
CA LEU B 225 -11.54 -7.36 6.97
C LEU B 225 -11.94 -8.76 7.38
N PRO B 226 -13.15 -8.89 7.95
CA PRO B 226 -13.59 -10.20 8.38
C PRO B 226 -14.02 -11.02 7.16
N LEU B 227 -13.83 -12.33 7.19
CA LEU B 227 -14.39 -13.21 6.15
C LEU B 227 -15.93 -13.33 6.25
N ASP B 228 -16.46 -13.59 7.46
CA ASP B 228 -17.92 -13.69 7.62
CA ASP B 228 -17.92 -13.73 7.66
C ASP B 228 -18.47 -12.68 8.65
N PRO B 229 -18.83 -11.47 8.15
CA PRO B 229 -19.40 -10.41 9.01
C PRO B 229 -20.93 -10.59 9.18
N PRO B 232 -17.17 -16.18 14.57
CA PRO B 232 -18.09 -16.90 15.46
C PRO B 232 -17.35 -18.01 16.28
N ALA B 233 -17.13 -19.19 15.66
CA ALA B 233 -16.18 -20.23 16.16
C ALA B 233 -14.74 -19.90 15.73
N VAL B 234 -14.61 -18.95 14.79
CA VAL B 234 -13.31 -18.36 14.42
C VAL B 234 -13.42 -16.81 14.43
N PRO B 235 -13.39 -16.20 15.66
CA PRO B 235 -13.21 -14.76 15.81
C PRO B 235 -12.12 -14.28 14.88
N ALA B 236 -12.22 -13.06 14.41
CA ALA B 236 -11.44 -12.59 13.32
C ALA B 236 -10.27 -11.80 13.92
N HIS B 237 -9.04 -12.27 13.71
CA HIS B 237 -7.88 -11.50 14.11
C HIS B 237 -6.58 -11.94 13.45
N ARG B 238 -5.59 -11.07 13.61
CA ARG B 238 -4.24 -11.28 13.19
C ARG B 238 -3.30 -10.88 14.30
N ASP B 239 -2.44 -11.83 14.64
CA ASP B 239 -1.50 -11.70 15.75
C ASP B 239 -0.10 -11.59 15.23
N THR B 240 0.63 -10.58 15.69
CA THR B 240 2.07 -10.43 15.38
C THR B 240 2.85 -10.00 16.62
N LEU B 241 4.18 -10.06 16.49
CA LEU B 241 5.10 -9.56 17.48
C LEU B 241 6.09 -8.70 16.69
N VAL B 242 6.16 -7.42 17.03
CA VAL B 242 7.14 -6.52 16.50
C VAL B 242 8.27 -6.28 17.49
N LEU B 243 9.48 -6.55 17.03
CA LEU B 243 10.70 -6.37 17.81
C LEU B 243 11.55 -5.32 17.13
N THR B 244 11.94 -4.28 17.86
CA THR B 244 12.87 -3.26 17.31
C THR B 244 14.20 -3.30 18.01
N TYR B 245 15.27 -3.07 17.25
CA TYR B 245 16.63 -3.10 17.73
C TYR B 245 17.30 -1.74 17.36
N ARG B 246 17.80 -1.04 18.37
CA ARG B 246 18.41 0.27 18.17
C ARG B 246 19.74 0.35 18.91
N SER B 247 20.74 0.88 18.24
CA SER B 247 22.02 1.20 18.83
C SER B 247 21.93 2.47 19.66
N GLY B 248 22.75 2.57 20.73
CA GLY B 248 22.89 3.82 21.47
C GLY B 248 21.95 3.94 22.66
N GLY B 249 20.68 3.83 22.38
CA GLY B 249 19.67 3.83 23.43
C GLY B 249 18.28 3.61 22.83
N PHE B 250 17.25 3.55 23.67
CA PHE B 250 15.89 3.48 23.17
C PHE B 250 15.49 4.79 22.53
N GLN B 251 14.62 4.78 21.53
CA GLN B 251 13.96 6.01 21.09
CA GLN B 251 13.92 5.99 21.09
C GLN B 251 13.36 6.66 22.33
N ALA B 252 13.65 7.92 22.53
CA ALA B 252 13.22 8.63 23.73
C ALA B 252 13.24 10.11 23.40
N PRO B 253 12.39 10.89 24.09
CA PRO B 253 12.44 12.33 23.81
C PRO B 253 13.77 12.90 24.27
N ALA B 254 14.37 13.80 23.46
CA ALA B 254 15.58 14.53 23.87
C ALA B 254 15.41 15.00 25.34
C1 GOL C . -14.93 21.07 -7.36
O1 GOL C . -14.23 20.50 -8.47
C2 GOL C . -14.22 22.10 -6.47
O2 GOL C . -15.24 22.96 -5.95
C3 GOL C . -13.53 21.45 -5.27
O3 GOL C . -12.42 22.16 -4.70
CL CL D . -14.28 -9.10 -14.97
#